data_5V0L
#
_entry.id   5V0L
#
_cell.length_a   78.199
_cell.length_b   64.364
_cell.length_c   157.725
_cell.angle_alpha   90.00
_cell.angle_beta   100.14
_cell.angle_gamma   90.00
#
_symmetry.space_group_name_H-M   'C 1 2 1'
#
loop_
_entity.id
_entity.type
_entity.pdbx_description
1 polymer 'Aryl hydrocarbon receptor nuclear translocator'
2 polymer 'Aryl hydrocarbon receptor'
3 polymer "DNA (5'-D(P*GP*GP*AP*TP*TP*GP*CP*GP*TP*GP*AP*GP*AP*AP*CP*TP*G)-3')"
4 polymer "DNA (5'-D(P*AP*GP*TP*TP*CP*TP*CP*AP*CP*GP*CP*AP*AP*T)-3')"
5 non-polymer DI(HYDROXYETHYL)ETHER
6 non-polymer 'CITRIC ACID'
#
loop_
_entity_poly.entity_id
_entity_poly.type
_entity_poly.pdbx_seq_one_letter_code
_entity_poly.pdbx_strand_id
1 'polypeptide(L)'
;GSDKERFARSDDEQSSADKERLARENHSEIERRRRNKMTAYITELSDMVPTCSALARKPDKLTILRMAVSHMKSLRGTGN
TSTDGSYKPSFLTDQELKHLILEAADGFLFIVSCETGRVVYVSDSVTPVLNQPQSEWFGSTLYDQVHPDDVDKLREQLST
SENALTGRILDLKTGTVKKEGQQSSMRMCMGSRRSFICRMRCGSSSVDPVSVNRLSFVRNRCRNGLGSVKDGEPHFVVVH
CTGYIKAWPPAGVSLPDDDPEAGQGSKFCLVAIGRLQVT
;
A
2 'polypeptide(L)'
;GSGIKSNPSKRHRDRLNTELDRLASLLPFPQDVINKLDKLSVLRLSVSYLRAKSFFDVALKSTPADRNGGQDQCRAQIRD
WQDLQEGEFLLQALNGFVLVVTADALVFYASSTIQDYLGFQQSDVIHQSVYELIHTEDRAEFQRQLHWALNPDSAQGVDE
AHGPPQAAVYYTPDQLPPENASFMERCFRCRLRCLLDNSSGFLAMNFQGRLKYLHGQNKKGKDGALLPPQLALFAIATPL
Q
;
B
3 'polydeoxyribonucleotide' (DG)(DG)(DA)(DT)(DT)(DG)(DC)(DG)(DT)(DG)(DA)(DG)(DA)(DA)(DC)(DT)(DG) C
4 'polydeoxyribonucleotide' (DA)(DG)(DT)(DT)(DC)(DT)(DC)(DA)(DC)(DG)(DC)(DA)(DA)(DT) D
#
loop_
_chem_comp.id
_chem_comp.type
_chem_comp.name
_chem_comp.formula
CIT non-polymer 'CITRIC ACID' 'C6 H8 O7'
DA DNA linking 2'-DEOXYADENOSINE-5'-MONOPHOSPHATE 'C10 H14 N5 O6 P'
DC DNA linking 2'-DEOXYCYTIDINE-5'-MONOPHOSPHATE 'C9 H14 N3 O7 P'
DG DNA linking 2'-DEOXYGUANOSINE-5'-MONOPHOSPHATE 'C10 H14 N5 O7 P'
DT DNA linking THYMIDINE-5'-MONOPHOSPHATE 'C10 H15 N2 O8 P'
PEG non-polymer DI(HYDROXYETHYL)ETHER 'C4 H10 O3'
#
# COMPACT_ATOMS: atom_id res chain seq x y z
N GLN A 14 -0.21 -3.45 -50.92
CA GLN A 14 -0.27 -4.25 -49.71
C GLN A 14 0.38 -3.50 -48.55
N SER A 15 1.29 -2.59 -48.88
CA SER A 15 1.98 -1.77 -47.90
C SER A 15 1.36 -0.38 -47.78
N SER A 16 0.20 -0.16 -48.37
CA SER A 16 -0.47 1.14 -48.30
C SER A 16 -0.78 1.50 -46.85
N ALA A 17 -1.74 0.79 -46.25
CA ALA A 17 -2.10 0.98 -44.85
C ALA A 17 -1.70 -0.19 -43.97
N ASP A 18 -1.14 -1.25 -44.55
CA ASP A 18 -0.74 -2.43 -43.79
C ASP A 18 0.68 -2.36 -43.26
N LYS A 19 1.55 -1.56 -43.89
CA LYS A 19 2.93 -1.42 -43.44
C LYS A 19 3.35 0.03 -43.15
N GLU A 20 2.71 1.03 -43.74
CA GLU A 20 3.10 2.42 -43.57
C GLU A 20 2.27 3.14 -42.51
N ARG A 21 0.96 2.89 -42.47
CA ARG A 21 0.08 3.55 -41.50
C ARG A 21 -0.15 2.72 -40.24
N LEU A 22 0.12 1.41 -40.31
CA LEU A 22 -0.07 0.53 -39.17
C LEU A 22 1.13 -0.39 -38.98
N ALA A 23 2.10 -0.28 -39.88
CA ALA A 23 3.30 -1.10 -39.82
C ALA A 23 4.47 -0.32 -39.22
N ARG A 24 4.57 0.95 -39.57
CA ARG A 24 5.64 1.81 -39.07
C ARG A 24 5.10 2.90 -38.16
N GLU A 25 4.22 3.74 -38.71
CA GLU A 25 3.62 4.84 -37.95
C GLU A 25 2.95 4.33 -36.69
N ASN A 26 1.93 3.48 -36.87
CA ASN A 26 1.19 2.91 -35.74
C ASN A 26 2.13 2.20 -34.79
N HIS A 27 3.14 1.51 -35.32
CA HIS A 27 4.11 0.83 -34.48
C HIS A 27 5.02 1.84 -33.79
N SER A 28 5.61 2.76 -34.58
CA SER A 28 6.49 3.77 -34.01
C SER A 28 5.86 4.46 -32.81
N GLU A 29 4.53 4.60 -32.81
CA GLU A 29 3.86 5.17 -31.66
C GLU A 29 3.79 4.19 -30.50
N ILE A 30 3.84 2.89 -30.79
CA ILE A 30 3.70 1.87 -29.75
C ILE A 30 5.02 1.22 -29.36
N GLU A 31 6.11 1.54 -30.05
CA GLU A 31 7.42 1.01 -29.69
C GLU A 31 8.46 2.07 -29.35
N ARG A 32 8.16 3.36 -29.57
CA ARG A 32 9.11 4.39 -29.18
C ARG A 32 8.99 4.74 -27.70
N ARG A 33 7.77 4.73 -27.16
CA ARG A 33 7.60 5.00 -25.73
C ARG A 33 8.28 3.94 -24.88
N ARG A 34 8.45 2.72 -25.42
CA ARG A 34 9.15 1.68 -24.67
C ARG A 34 10.57 2.11 -24.34
N ARG A 35 11.20 2.91 -25.20
CA ARG A 35 12.54 3.42 -24.92
C ARG A 35 12.52 4.70 -24.12
N ASN A 36 11.40 5.41 -24.09
CA ASN A 36 11.28 6.64 -23.30
C ASN A 36 10.88 6.37 -21.85
N LYS A 37 10.19 5.26 -21.60
CA LYS A 37 9.76 4.95 -20.24
C LYS A 37 10.91 4.40 -19.40
N MET A 38 11.75 3.53 -19.99
CA MET A 38 12.89 3.01 -19.26
C MET A 38 13.89 4.12 -18.96
N THR A 39 14.22 4.93 -19.97
CA THR A 39 15.05 6.11 -19.72
C THR A 39 14.40 7.00 -18.67
N ALA A 40 13.08 7.19 -18.77
CA ALA A 40 12.34 7.86 -17.70
C ALA A 40 12.59 7.16 -16.36
N TYR A 41 12.25 5.86 -16.30
CA TYR A 41 12.53 5.10 -15.08
C TYR A 41 14.01 5.12 -14.75
N ILE A 42 14.87 4.95 -15.75
CA ILE A 42 16.31 5.08 -15.52
C ILE A 42 16.63 6.44 -14.91
N THR A 43 16.14 7.51 -15.54
CA THR A 43 16.23 8.83 -14.91
C THR A 43 15.37 8.88 -13.66
N GLU A 44 14.23 8.18 -13.66
CA GLU A 44 13.39 8.09 -12.48
C GLU A 44 14.03 7.22 -11.39
N LEU A 45 14.93 6.32 -11.76
CA LEU A 45 15.61 5.46 -10.80
C LEU A 45 16.98 6.00 -10.39
N SER A 46 17.66 6.73 -11.27
CA SER A 46 18.96 7.28 -10.93
C SER A 46 18.85 8.28 -9.79
N ASP A 47 17.77 9.05 -9.74
CA ASP A 47 17.61 10.06 -8.70
C ASP A 47 17.51 9.41 -7.32
N MET A 48 16.72 8.35 -7.20
CA MET A 48 16.57 7.67 -5.90
C MET A 48 17.93 7.20 -5.38
N VAL A 49 18.78 6.70 -6.26
CA VAL A 49 20.11 6.24 -5.87
C VAL A 49 20.96 7.46 -5.53
N PRO A 50 21.25 7.70 -4.25
CA PRO A 50 22.05 8.88 -3.89
C PRO A 50 23.50 8.79 -4.33
N THR A 51 24.03 7.58 -4.55
CA THR A 51 25.41 7.39 -4.97
C THR A 51 25.59 7.45 -6.48
N CYS A 52 24.63 8.03 -7.20
CA CYS A 52 24.72 8.13 -8.65
C CYS A 52 24.44 9.53 -9.19
N SER A 53 23.90 10.44 -8.38
CA SER A 53 23.57 11.77 -8.87
C SER A 53 24.77 12.72 -8.84
N ALA A 54 25.74 12.47 -7.96
CA ALA A 54 26.90 13.35 -7.83
C ALA A 54 28.00 12.86 -8.76
N LEU A 55 27.81 13.20 -10.03
CA LEU A 55 28.70 12.84 -11.11
C LEU A 55 28.81 14.01 -12.08
N ALA A 56 30.04 14.27 -12.52
CA ALA A 56 30.36 15.39 -13.43
C ALA A 56 29.43 15.62 -14.61
N ARG A 57 28.29 16.26 -14.35
CA ARG A 57 27.30 16.61 -15.38
C ARG A 57 26.79 15.50 -16.31
N LYS A 58 26.78 14.25 -15.86
CA LYS A 58 26.29 13.13 -16.69
C LYS A 58 25.96 11.85 -15.92
N PRO A 59 24.92 11.86 -15.09
CA PRO A 59 24.85 10.49 -14.56
C PRO A 59 24.73 9.48 -15.68
N ASP A 60 25.70 8.58 -15.78
CA ASP A 60 25.71 7.58 -16.84
C ASP A 60 24.44 6.73 -16.78
N LYS A 61 23.67 6.74 -17.87
CA LYS A 61 22.41 6.03 -17.90
C LYS A 61 22.57 4.51 -17.80
N LEU A 62 23.79 4.00 -17.89
CA LEU A 62 24.03 2.57 -17.71
C LEU A 62 24.38 2.24 -16.26
N THR A 63 25.38 2.93 -15.69
CA THR A 63 25.70 2.75 -14.30
C THR A 63 24.53 3.10 -13.38
N ILE A 64 23.55 3.86 -13.90
CA ILE A 64 22.33 4.12 -13.13
C ILE A 64 21.70 2.83 -12.65
N LEU A 65 21.92 1.73 -13.38
CA LEU A 65 21.44 0.41 -13.00
C LEU A 65 22.54 -0.50 -12.47
N ARG A 66 23.76 -0.40 -13.00
CA ARG A 66 24.84 -1.25 -12.52
C ARG A 66 25.10 -1.01 -11.05
N MET A 67 25.23 0.25 -10.64
CA MET A 67 25.37 0.57 -9.22
C MET A 67 24.03 0.57 -8.50
N ALA A 68 22.92 0.72 -9.23
CA ALA A 68 21.62 0.64 -8.61
C ALA A 68 21.41 -0.69 -7.90
N VAL A 69 22.09 -1.73 -8.36
CA VAL A 69 22.02 -3.02 -7.68
C VAL A 69 22.55 -2.91 -6.26
N SER A 70 23.43 -1.95 -6.01
CA SER A 70 23.97 -1.72 -4.67
C SER A 70 22.84 -1.53 -3.67
N HIS A 71 22.09 -0.43 -3.79
CA HIS A 71 20.90 -0.26 -2.98
C HIS A 71 19.92 -1.41 -3.17
N MET A 72 19.87 -1.96 -4.39
CA MET A 72 19.07 -3.17 -4.61
C MET A 72 19.65 -4.34 -3.83
N LYS A 73 20.94 -4.29 -3.51
CA LYS A 73 21.60 -5.30 -2.71
C LYS A 73 21.64 -4.94 -1.24
N SER A 74 22.01 -3.68 -0.94
CA SER A 74 22.13 -3.25 0.44
C SER A 74 20.82 -3.43 1.19
N LEU A 75 19.75 -2.84 0.67
CA LEU A 75 18.43 -2.97 1.30
C LEU A 75 17.88 -4.38 1.13
N LYS A 88 10.79 -11.30 0.63
CA LYS A 88 10.20 -12.61 0.35
C LYS A 88 8.68 -12.57 0.39
N PRO A 89 8.11 -12.21 1.55
CA PRO A 89 6.65 -12.15 1.65
C PRO A 89 6.09 -10.93 0.94
N SER A 90 6.41 -9.75 1.45
CA SER A 90 6.03 -8.48 0.84
C SER A 90 7.21 -7.54 0.90
N PHE A 91 7.41 -6.78 -0.18
CA PHE A 91 8.56 -5.87 -0.23
C PHE A 91 8.56 -4.88 0.93
N LEU A 92 7.42 -4.64 1.55
CA LEU A 92 7.36 -3.77 2.72
C LEU A 92 7.49 -4.59 4.00
N THR A 93 7.90 -3.91 5.07
CA THR A 93 8.11 -4.53 6.37
C THR A 93 6.89 -4.30 7.26
N ASP A 94 6.68 -5.23 8.20
CA ASP A 94 5.56 -5.10 9.12
C ASP A 94 5.57 -3.76 9.83
N GLN A 95 6.74 -3.35 10.33
CA GLN A 95 6.84 -2.02 10.94
C GLN A 95 6.45 -0.92 9.96
N GLU A 96 6.68 -1.14 8.66
CA GLU A 96 6.24 -0.19 7.65
C GLU A 96 4.72 -0.21 7.53
N LEU A 97 4.16 -1.38 7.18
CA LEU A 97 2.71 -1.51 7.10
C LEU A 97 2.05 -1.09 8.41
N LYS A 98 2.58 -1.56 9.53
CA LYS A 98 2.09 -1.12 10.84
C LYS A 98 2.06 0.40 10.92
N HIS A 99 3.22 1.03 10.72
CA HIS A 99 3.27 2.48 10.63
C HIS A 99 2.47 2.98 9.43
N LEU A 100 2.39 2.17 8.37
CA LEU A 100 1.58 2.53 7.21
C LEU A 100 0.11 2.60 7.57
N ILE A 101 -0.43 1.50 8.09
CA ILE A 101 -1.84 1.49 8.51
C ILE A 101 -2.06 2.50 9.63
N LEU A 102 -1.14 2.55 10.59
CA LEU A 102 -1.24 3.55 11.66
C LEU A 102 -1.29 4.95 11.07
N GLU A 103 -0.57 5.18 9.96
CA GLU A 103 -0.67 6.46 9.26
C GLU A 103 -1.89 6.52 8.35
N ALA A 104 -2.37 5.36 7.89
CA ALA A 104 -3.54 5.32 7.00
C ALA A 104 -4.76 5.92 7.69
N ALA A 105 -5.22 5.28 8.76
CA ALA A 105 -6.37 5.78 9.50
C ALA A 105 -6.18 5.60 11.01
N ASP A 106 -4.92 5.56 11.46
CA ASP A 106 -4.60 5.39 12.88
C ASP A 106 -5.19 4.09 13.41
N GLY A 107 -4.86 2.98 12.75
CA GLY A 107 -5.38 1.68 13.11
C GLY A 107 -4.36 0.88 13.89
N PHE A 108 -4.75 0.46 15.09
CA PHE A 108 -3.94 -0.40 15.94
C PHE A 108 -4.59 -1.78 16.01
N LEU A 109 -3.75 -2.81 16.11
CA LEU A 109 -4.20 -4.19 16.12
C LEU A 109 -4.32 -4.68 17.56
N PHE A 110 -5.48 -5.24 17.90
CA PHE A 110 -5.74 -5.79 19.23
C PHE A 110 -6.39 -7.15 19.08
N ILE A 111 -5.91 -8.12 19.85
CA ILE A 111 -6.40 -9.50 19.81
C ILE A 111 -6.83 -9.89 21.21
N VAL A 112 -8.13 -9.95 21.46
CA VAL A 112 -8.66 -10.38 22.74
C VAL A 112 -9.11 -11.83 22.64
N SER A 113 -9.62 -12.37 23.74
CA SER A 113 -10.06 -13.75 23.79
C SER A 113 -11.52 -13.88 23.33
N CYS A 114 -12.01 -15.11 23.28
CA CYS A 114 -13.38 -15.38 22.88
C CYS A 114 -14.36 -14.67 23.80
N GLU A 115 -14.44 -15.12 25.05
CA GLU A 115 -15.25 -14.45 26.07
C GLU A 115 -14.45 -13.97 27.27
N THR A 116 -13.30 -14.58 27.52
CA THR A 116 -12.46 -14.18 28.65
C THR A 116 -12.37 -12.66 28.77
N GLY A 117 -12.10 -12.00 27.65
CA GLY A 117 -12.00 -10.55 27.63
C GLY A 117 -10.57 -10.07 27.74
N ARG A 118 -9.67 -10.98 28.11
CA ARG A 118 -8.26 -10.65 28.26
C ARG A 118 -7.58 -10.49 26.90
N VAL A 119 -6.98 -9.32 26.68
CA VAL A 119 -6.31 -9.04 25.42
C VAL A 119 -5.05 -9.89 25.27
N VAL A 120 -4.88 -10.48 24.09
CA VAL A 120 -3.72 -11.32 23.82
C VAL A 120 -2.55 -10.51 23.28
N TYR A 121 -2.79 -9.71 22.24
CA TYR A 121 -1.75 -8.93 21.60
C TYR A 121 -1.83 -7.47 22.03
N VAL A 122 -0.65 -6.85 22.16
CA VAL A 122 -0.53 -5.44 22.51
C VAL A 122 0.14 -4.75 21.34
N SER A 123 -0.63 -3.94 20.60
CA SER A 123 -0.11 -3.24 19.43
C SER A 123 0.87 -2.12 19.75
N ASP A 124 1.99 -2.09 19.03
CA ASP A 124 2.99 -1.06 19.21
C ASP A 124 2.52 0.31 18.73
N SER A 125 1.56 0.63 17.95
CA SER A 125 0.95 1.91 17.51
C SER A 125 -0.29 2.21 18.19
N VAL A 126 -0.31 1.95 19.50
CA VAL A 126 -1.49 2.24 20.31
C VAL A 126 -1.44 3.70 20.76
N THR A 127 -1.55 4.60 19.78
CA THR A 127 -1.56 6.04 20.05
C THR A 127 -2.86 6.59 19.51
N PRO A 128 -3.95 6.36 20.24
CA PRO A 128 -5.27 6.84 19.83
C PRO A 128 -5.41 8.35 20.01
N GLN A 132 -1.17 6.17 26.07
CA GLN A 132 -1.81 5.05 26.74
C GLN A 132 -0.98 3.78 26.63
N PRO A 133 0.01 3.63 27.52
CA PRO A 133 0.89 2.45 27.46
C PRO A 133 0.19 1.17 27.89
N GLN A 134 0.95 0.08 27.96
CA GLN A 134 0.41 -1.22 28.34
C GLN A 134 -0.07 -1.33 29.78
N SER A 135 -0.16 -0.25 30.55
CA SER A 135 -0.62 -0.38 31.94
C SER A 135 -2.07 -0.86 32.00
N GLU A 136 -2.91 -0.41 31.07
CA GLU A 136 -4.32 -0.79 31.05
C GLU A 136 -4.58 -1.99 30.15
N TRP A 137 -3.78 -2.19 29.12
CA TRP A 137 -3.97 -3.31 28.20
C TRP A 137 -3.23 -4.57 28.62
N PHE A 138 -2.32 -4.48 29.60
CA PHE A 138 -1.58 -5.66 30.03
C PHE A 138 -2.42 -6.55 30.92
N GLY A 139 -2.91 -6.01 32.03
CA GLY A 139 -3.73 -6.77 32.95
C GLY A 139 -5.22 -6.65 32.68
N SER A 140 -5.71 -5.41 32.63
CA SER A 140 -7.12 -5.18 32.39
C SER A 140 -7.51 -5.64 30.99
N THR A 141 -8.75 -6.10 30.88
CA THR A 141 -9.26 -6.59 29.60
C THR A 141 -9.75 -5.43 28.73
N LEU A 142 -10.26 -5.75 27.54
CA LEU A 142 -10.79 -4.72 26.66
C LEU A 142 -11.97 -4.00 27.30
N TYR A 143 -12.85 -4.74 27.98
CA TYR A 143 -13.97 -4.12 28.66
C TYR A 143 -13.52 -3.02 29.60
N ASP A 144 -12.32 -3.15 30.16
CA ASP A 144 -11.81 -2.13 31.08
C ASP A 144 -11.41 -0.85 30.34
N GLN A 145 -11.00 -0.97 29.08
CA GLN A 145 -10.57 0.17 28.29
C GLN A 145 -11.70 0.82 27.51
N VAL A 146 -12.92 0.30 27.60
CA VAL A 146 -14.06 0.87 26.90
C VAL A 146 -15.01 1.49 27.91
N HIS A 147 -16.11 2.07 27.43
CA HIS A 147 -17.05 2.62 28.40
C HIS A 147 -18.07 1.56 28.82
N PRO A 148 -18.52 1.60 30.08
CA PRO A 148 -19.49 0.59 30.53
C PRO A 148 -20.80 0.64 29.76
N ASP A 149 -21.09 1.73 29.05
CA ASP A 149 -22.26 1.78 28.19
C ASP A 149 -22.27 0.70 27.12
N ASP A 150 -21.12 0.06 26.86
CA ASP A 150 -21.03 -1.01 25.89
C ASP A 150 -21.51 -2.34 26.46
N VAL A 151 -22.28 -2.30 27.55
CA VAL A 151 -22.75 -3.52 28.21
C VAL A 151 -23.18 -4.60 27.24
N ASP A 152 -23.79 -4.22 26.12
CA ASP A 152 -24.25 -5.18 25.12
C ASP A 152 -23.53 -5.05 23.79
N LYS A 153 -23.23 -3.83 23.34
CA LYS A 153 -22.52 -3.64 22.08
C LYS A 153 -21.09 -4.15 22.12
N LEU A 154 -20.61 -4.64 23.27
CA LEU A 154 -19.28 -5.18 23.39
C LEU A 154 -19.24 -6.68 23.66
N ARG A 155 -20.38 -7.29 23.98
CA ARG A 155 -20.45 -8.73 24.25
C ARG A 155 -21.16 -9.50 23.15
N GLU A 156 -22.21 -8.94 22.54
CA GLU A 156 -22.90 -9.64 21.47
C GLU A 156 -21.99 -9.86 20.28
N GLN A 157 -21.23 -8.83 19.90
CA GLN A 157 -20.29 -8.96 18.79
C GLN A 157 -19.23 -10.03 19.01
N LEU A 158 -19.06 -10.49 20.25
CA LEU A 158 -18.10 -11.52 20.56
C LEU A 158 -18.73 -12.91 20.40
N SER A 159 -17.97 -13.94 20.76
CA SER A 159 -18.47 -15.31 20.68
C SER A 159 -18.76 -15.85 22.07
N GLY A 191 -21.72 -14.97 10.95
CA GLY A 191 -20.77 -14.06 10.32
C GLY A 191 -19.35 -14.26 10.80
N SER A 192 -18.49 -14.72 9.88
CA SER A 192 -17.09 -14.96 10.23
C SER A 192 -16.37 -13.68 10.65
N ARG A 193 -16.90 -12.52 10.28
CA ARG A 193 -16.30 -11.23 10.62
C ARG A 193 -17.34 -10.36 11.32
N ARG A 194 -16.90 -9.65 12.34
CA ARG A 194 -17.77 -8.79 13.14
C ARG A 194 -17.54 -7.33 12.78
N SER A 195 -18.61 -6.55 12.75
CA SER A 195 -18.55 -5.12 12.48
C SER A 195 -19.34 -4.40 13.55
N PHE A 196 -18.67 -3.51 14.29
CA PHE A 196 -19.28 -2.86 15.37
C PHE A 196 -18.44 -1.62 15.86
N ILE A 197 -19.10 -0.60 16.40
CA ILE A 197 -18.39 0.52 16.88
C ILE A 197 -18.45 0.80 18.39
N CYS A 198 -17.60 0.09 19.11
CA CYS A 198 -17.60 0.16 20.57
C CYS A 198 -17.11 1.53 21.03
N ARG A 199 -17.29 1.79 22.32
CA ARG A 199 -16.95 3.07 22.93
C ARG A 199 -15.78 2.84 23.89
N MET A 200 -14.57 2.84 23.34
CA MET A 200 -13.36 2.77 24.15
C MET A 200 -12.91 4.17 24.51
N ARG A 201 -12.38 4.33 25.72
CA ARG A 201 -11.98 5.64 26.24
C ARG A 201 -10.47 5.85 26.19
N CYS A 202 -9.69 4.87 26.65
CA CYS A 202 -8.24 4.98 26.64
C CYS A 202 -7.58 3.64 26.94
N GLU A 233 -12.65 14.62 29.02
CA GLU A 233 -12.04 14.64 27.69
C GLU A 233 -11.82 13.23 27.12
N PRO A 234 -11.15 12.37 27.87
CA PRO A 234 -10.78 11.06 27.31
C PRO A 234 -11.89 10.11 26.88
N HIS A 235 -13.14 10.54 26.97
CA HIS A 235 -14.26 9.66 26.65
C HIS A 235 -14.98 9.74 25.31
N PHE A 236 -14.39 10.36 24.30
CA PHE A 236 -15.09 10.62 23.06
C PHE A 236 -14.34 10.07 21.84
N VAL A 237 -13.51 9.04 22.02
CA VAL A 237 -12.78 8.49 20.89
C VAL A 237 -13.50 7.25 20.39
N VAL A 238 -14.58 7.46 19.64
CA VAL A 238 -15.37 6.34 19.12
C VAL A 238 -14.53 5.58 18.13
N VAL A 239 -14.32 4.29 18.40
CA VAL A 239 -13.50 3.43 17.56
C VAL A 239 -14.41 2.40 16.89
N HIS A 240 -14.44 2.46 15.54
CA HIS A 240 -15.23 1.52 14.75
C HIS A 240 -14.36 0.32 14.41
N CYS A 241 -14.68 -0.83 15.00
CA CYS A 241 -13.87 -2.03 14.85
C CYS A 241 -14.55 -3.09 13.98
N THR A 242 -13.81 -3.78 13.23
CA THR A 242 -14.30 -4.86 12.36
C THR A 242 -13.21 -5.90 12.17
N GLY A 243 -13.51 -7.14 12.51
CA GLY A 243 -12.52 -8.19 12.37
C GLY A 243 -13.14 -9.55 12.44
N TYR A 244 -12.29 -10.57 12.48
CA TYR A 244 -12.72 -11.96 12.53
C TYR A 244 -12.29 -12.63 13.83
N ASP A 257 -9.93 -17.40 -1.31
CA ASP A 257 -9.91 -18.67 -2.03
C ASP A 257 -10.57 -19.77 -1.20
N ASP A 258 -10.25 -21.02 -1.51
CA ASP A 258 -10.80 -22.18 -0.81
C ASP A 258 -9.74 -22.71 0.14
N ASP A 259 -9.79 -22.25 1.39
CA ASP A 259 -8.85 -22.69 2.42
C ASP A 259 -9.60 -22.90 3.74
N PRO A 260 -9.55 -24.10 4.31
CA PRO A 260 -10.33 -24.38 5.52
C PRO A 260 -9.88 -23.70 6.80
N GLU A 261 -8.71 -24.08 7.30
CA GLU A 261 -8.20 -23.50 8.52
C GLU A 261 -7.14 -22.46 8.19
N ALA A 262 -6.14 -22.36 9.07
CA ALA A 262 -5.04 -21.43 8.91
C ALA A 262 -3.90 -21.83 9.84
N GLY A 263 -2.92 -22.54 9.29
CA GLY A 263 -1.78 -22.97 10.10
C GLY A 263 -1.10 -21.78 10.75
N GLN A 264 -1.42 -21.55 12.01
CA GLN A 264 -0.84 -20.43 12.76
C GLN A 264 -0.98 -20.69 14.25
N GLY A 265 -0.55 -19.72 15.07
CA GLY A 265 -0.72 -19.91 16.49
C GLY A 265 -2.18 -20.00 16.89
N SER A 266 -2.41 -20.48 18.11
CA SER A 266 -3.76 -20.62 18.65
C SER A 266 -4.48 -19.28 18.64
N LYS A 267 -5.41 -19.09 17.71
CA LYS A 267 -6.16 -17.84 17.58
C LYS A 267 -7.63 -18.18 17.31
N PHE A 268 -8.37 -18.50 18.37
CA PHE A 268 -9.81 -18.65 18.33
C PHE A 268 -10.38 -17.46 19.11
N CYS A 269 -10.49 -16.32 18.42
CA CYS A 269 -10.94 -15.09 19.05
C CYS A 269 -10.99 -13.97 18.01
N LEU A 270 -11.25 -12.77 18.27
CA LEU A 270 -11.39 -11.63 17.36
C LEU A 270 -10.12 -10.81 17.16
N VAL A 271 -9.77 -10.58 15.90
CA VAL A 271 -8.59 -9.79 15.58
C VAL A 271 -9.02 -8.67 14.63
N ALA A 272 -9.37 -7.52 15.19
CA ALA A 272 -9.82 -6.41 14.37
C ALA A 272 -8.91 -5.20 14.57
N ILE A 273 -9.29 -4.08 13.96
CA ILE A 273 -8.50 -2.85 14.04
C ILE A 273 -9.32 -1.76 14.70
N GLY A 274 -8.79 -0.54 14.74
CA GLY A 274 -9.50 0.59 15.31
C GLY A 274 -9.16 1.89 14.63
N ARG A 275 -10.18 2.66 14.25
CA ARG A 275 -9.97 3.91 13.54
C ARG A 275 -11.03 4.92 13.96
N LEU A 276 -10.60 6.15 14.20
CA LEU A 276 -11.51 7.21 14.63
C LEU A 276 -12.56 7.49 13.57
N GLN A 277 -13.80 7.09 13.84
CA GLN A 277 -14.88 7.27 12.87
C GLN A 277 -16.10 7.91 13.54
N ARG B 11 28.63 -6.51 -27.55
CA ARG B 11 28.34 -7.42 -26.47
C ARG B 11 27.78 -6.69 -25.25
N HIS B 12 28.01 -5.38 -25.20
CA HIS B 12 27.53 -4.58 -24.07
C HIS B 12 26.00 -4.54 -24.03
N ARG B 13 25.34 -4.67 -25.19
CA ARG B 13 23.88 -4.73 -25.21
C ARG B 13 23.35 -5.91 -24.42
N ASP B 14 24.18 -6.90 -24.12
CA ASP B 14 23.79 -8.03 -23.30
C ASP B 14 24.22 -7.91 -21.85
N ARG B 15 25.18 -7.02 -21.55
CA ARG B 15 25.64 -6.85 -20.19
C ARG B 15 24.56 -6.33 -19.26
N LEU B 16 23.41 -5.94 -19.79
CA LEU B 16 22.33 -5.43 -18.94
C LEU B 16 21.54 -6.56 -18.32
N ASN B 17 21.13 -7.55 -19.12
CA ASN B 17 20.36 -8.67 -18.59
C ASN B 17 21.05 -9.30 -17.39
N THR B 18 22.38 -9.28 -17.35
CA THR B 18 23.09 -9.72 -16.15
C THR B 18 22.74 -8.83 -14.96
N GLU B 19 22.40 -7.57 -15.21
CA GLU B 19 21.97 -6.68 -14.15
C GLU B 19 20.49 -6.85 -13.85
N LEU B 20 19.67 -7.07 -14.89
CA LEU B 20 18.24 -7.22 -14.69
C LEU B 20 17.92 -8.48 -13.90
N ASP B 21 18.54 -9.61 -14.25
CA ASP B 21 18.30 -10.84 -13.51
C ASP B 21 18.68 -10.67 -12.04
N ARG B 22 19.62 -9.78 -11.74
CA ARG B 22 19.96 -9.46 -10.35
C ARG B 22 18.78 -8.76 -9.68
N LEU B 23 18.48 -7.53 -10.14
CA LEU B 23 17.38 -6.77 -9.56
C LEU B 23 16.09 -7.58 -9.54
N ALA B 24 15.87 -8.39 -10.57
CA ALA B 24 14.70 -9.27 -10.57
C ALA B 24 14.76 -10.25 -9.40
N SER B 25 15.91 -10.89 -9.21
CA SER B 25 16.10 -11.76 -8.05
C SER B 25 16.22 -10.95 -6.76
N LEU B 26 16.71 -9.71 -6.86
CA LEU B 26 16.80 -8.83 -5.70
C LEU B 26 15.47 -8.12 -5.45
N LEU B 27 14.36 -8.76 -5.84
CA LEU B 27 13.05 -8.16 -5.67
C LEU B 27 12.24 -8.93 -4.63
N PRO B 28 11.64 -8.25 -3.66
CA PRO B 28 10.89 -8.97 -2.61
C PRO B 28 9.56 -9.52 -3.11
N PHE B 29 9.60 -10.70 -3.74
CA PHE B 29 8.39 -11.35 -4.22
C PHE B 29 8.65 -12.85 -4.25
N PRO B 30 7.59 -13.66 -4.20
CA PRO B 30 7.79 -15.11 -4.18
C PRO B 30 8.50 -15.61 -5.43
N GLN B 31 9.23 -16.71 -5.27
CA GLN B 31 9.93 -17.31 -6.39
C GLN B 31 8.99 -18.02 -7.36
N ASP B 32 7.76 -18.29 -6.94
CA ASP B 32 6.82 -19.00 -7.82
C ASP B 32 6.62 -18.18 -9.09
N VAL B 33 6.31 -16.90 -8.96
CA VAL B 33 6.07 -16.08 -10.11
C VAL B 33 6.97 -14.83 -10.16
N ILE B 34 8.16 -14.95 -9.56
CA ILE B 34 9.10 -13.86 -9.53
C ILE B 34 9.55 -13.38 -10.92
N ASN B 35 9.98 -14.31 -11.75
CA ASN B 35 10.50 -14.00 -13.08
C ASN B 35 9.41 -13.68 -14.09
N LYS B 36 8.13 -13.73 -13.69
CA LYS B 36 7.06 -13.33 -14.58
C LYS B 36 7.08 -11.83 -14.90
N LEU B 37 7.96 -11.07 -14.25
CA LEU B 37 8.04 -9.64 -14.47
C LEU B 37 8.72 -9.35 -15.81
N ASP B 38 8.09 -8.50 -16.62
CA ASP B 38 8.69 -8.09 -17.87
C ASP B 38 9.85 -7.14 -17.60
N LYS B 39 10.55 -6.74 -18.68
CA LYS B 39 11.70 -5.86 -18.53
C LYS B 39 11.31 -4.52 -17.95
N LEU B 40 10.19 -3.95 -18.39
CA LEU B 40 9.70 -2.70 -17.81
C LEU B 40 9.00 -2.93 -16.47
N SER B 41 8.53 -4.14 -16.21
CA SER B 41 7.93 -4.43 -14.91
C SER B 41 8.96 -4.35 -13.80
N VAL B 42 10.15 -4.92 -14.02
CA VAL B 42 11.19 -4.85 -13.01
C VAL B 42 11.61 -3.40 -12.76
N LEU B 43 11.93 -2.68 -13.84
CA LEU B 43 12.30 -1.28 -13.71
C LEU B 43 11.14 -0.47 -13.12
N ARG B 44 9.90 -0.89 -13.39
CA ARG B 44 8.76 -0.26 -12.73
C ARG B 44 8.73 -0.60 -11.25
N LEU B 45 8.87 -1.87 -10.92
CA LEU B 45 8.92 -2.28 -9.52
C LEU B 45 10.25 -1.93 -8.86
N SER B 46 11.32 -1.78 -9.66
CA SER B 46 12.60 -1.38 -9.10
C SER B 46 12.54 0.05 -8.55
N VAL B 47 11.64 0.87 -9.09
CA VAL B 47 11.47 2.24 -8.60
C VAL B 47 10.35 2.34 -7.56
N SER B 48 9.40 1.41 -7.54
CA SER B 48 8.31 1.43 -6.56
C SER B 48 8.69 0.80 -5.23
N TYR B 49 9.93 0.36 -5.07
CA TYR B 49 10.42 -0.23 -3.83
C TYR B 49 11.47 0.61 -3.14
N LEU B 50 12.38 1.23 -3.89
CA LEU B 50 13.40 2.08 -3.27
C LEU B 50 12.78 3.27 -2.55
N ARG B 51 11.68 3.76 -3.11
CA ARG B 51 10.93 4.87 -2.54
C ARG B 51 10.32 4.43 -1.21
N ALA B 52 10.17 3.12 -1.06
CA ALA B 52 9.63 2.53 0.16
C ALA B 52 10.73 2.61 1.21
N LYS B 53 11.98 2.52 0.74
CA LYS B 53 13.14 2.61 1.61
C LYS B 53 13.04 3.95 2.33
N SER B 54 12.56 4.95 1.61
CA SER B 54 12.38 6.26 2.20
C SER B 54 10.94 6.54 2.48
N PHE B 55 10.23 5.47 2.73
CA PHE B 55 8.81 5.62 3.08
C PHE B 55 8.73 6.70 4.14
N PHE B 56 9.41 6.48 5.26
CA PHE B 56 9.56 7.38 6.36
C PHE B 56 10.87 8.11 6.73
N ASP B 57 11.93 7.33 6.83
CA ASP B 57 13.27 7.87 7.05
C ASP B 57 14.47 7.03 6.65
N VAL B 58 15.17 7.49 5.61
CA VAL B 58 16.33 6.80 5.12
C VAL B 58 17.43 7.84 5.21
N ALA B 59 17.06 9.06 5.59
CA ALA B 59 18.02 10.15 5.74
C ALA B 59 18.27 10.45 7.21
N LEU B 60 19.21 11.34 7.46
CA LEU B 60 19.55 11.74 8.83
C LEU B 60 20.34 13.05 8.83
N LYS B 61 19.69 14.13 8.38
CA LYS B 61 20.33 15.44 8.32
C LYS B 61 20.00 16.29 9.55
N SER B 62 18.73 16.26 9.95
CA SER B 62 18.28 17.03 11.11
C SER B 62 19.13 16.71 12.34
N THR B 63 19.81 17.73 12.85
CA THR B 63 20.66 17.55 14.02
C THR B 63 19.90 16.94 15.20
N GLN B 85 8.45 -9.27 11.40
CA GLN B 85 7.41 -9.68 12.34
C GLN B 85 6.20 -10.30 11.63
N GLU B 86 5.13 -10.52 12.40
CA GLU B 86 3.87 -11.02 11.86
C GLU B 86 2.78 -10.06 12.32
N GLY B 87 2.75 -8.87 11.72
CA GLY B 87 1.72 -7.90 12.01
C GLY B 87 0.76 -7.72 10.86
N GLU B 88 0.67 -8.74 10.01
CA GLU B 88 -0.16 -8.71 8.81
C GLU B 88 -1.56 -9.25 9.05
N PHE B 89 -2.06 -9.19 10.28
CA PHE B 89 -3.43 -9.61 10.55
C PHE B 89 -4.43 -8.52 10.21
N LEU B 90 -4.02 -7.26 10.19
CA LEU B 90 -4.94 -6.17 9.87
C LEU B 90 -5.28 -6.14 8.39
N LEU B 91 -4.35 -6.54 7.52
CA LEU B 91 -4.63 -6.51 6.09
C LEU B 91 -5.79 -7.42 5.73
N GLN B 92 -5.87 -8.60 6.35
CA GLN B 92 -6.99 -9.50 6.10
C GLN B 92 -8.25 -9.06 6.82
N ALA B 93 -8.10 -8.36 7.95
CA ALA B 93 -9.24 -7.85 8.71
C ALA B 93 -9.76 -6.52 8.16
N LEU B 94 -9.30 -6.10 6.98
CA LEU B 94 -9.77 -4.87 6.37
C LEU B 94 -10.94 -5.14 5.43
N VAL B 98 -5.67 -0.76 2.93
CA VAL B 98 -4.46 0.05 2.83
C VAL B 98 -4.11 0.29 1.36
N LEU B 99 -4.41 1.50 0.88
CA LEU B 99 -4.17 1.87 -0.50
C LEU B 99 -3.43 3.20 -0.55
N VAL B 100 -2.21 3.18 -1.06
CA VAL B 100 -1.37 4.37 -1.12
C VAL B 100 -1.54 5.05 -2.48
N VAL B 101 -1.40 6.37 -2.49
CA VAL B 101 -1.53 7.16 -3.71
C VAL B 101 -0.56 8.32 -3.62
N THR B 102 -0.12 8.80 -4.79
CA THR B 102 0.82 9.90 -4.91
C THR B 102 0.13 11.11 -5.54
N ALA B 103 0.93 12.13 -5.86
CA ALA B 103 0.40 13.37 -6.42
C ALA B 103 0.45 13.40 -7.94
N ASP B 104 1.37 12.64 -8.55
CA ASP B 104 1.49 12.60 -10.00
C ASP B 104 0.50 11.64 -10.66
N ALA B 105 -0.57 11.26 -9.96
CA ALA B 105 -1.62 10.43 -10.52
C ALA B 105 -1.15 8.99 -10.74
N LEU B 106 -0.41 8.45 -9.78
CA LEU B 106 0.03 7.06 -9.83
C LEU B 106 0.17 6.53 -8.42
N VAL B 107 0.28 5.21 -8.32
CA VAL B 107 0.23 4.52 -7.03
C VAL B 107 1.65 4.38 -6.47
N PHE B 108 1.73 4.26 -5.14
CA PHE B 108 2.98 4.02 -4.44
C PHE B 108 3.04 2.63 -3.80
N TYR B 109 1.93 2.13 -3.28
CA TYR B 109 1.90 0.80 -2.69
C TYR B 109 0.47 0.30 -2.65
N ALA B 110 0.25 -0.93 -3.12
CA ALA B 110 -1.05 -1.58 -3.07
C ALA B 110 -1.06 -2.62 -1.96
N SER B 111 -2.18 -2.69 -1.23
CA SER B 111 -2.31 -3.60 -0.10
C SER B 111 -1.77 -4.98 -0.43
N SER B 112 -1.00 -5.55 0.51
CA SER B 112 -0.56 -6.93 0.36
C SER B 112 -1.73 -7.90 0.38
N THR B 113 -2.94 -7.43 0.64
CA THR B 113 -4.15 -8.25 0.60
C THR B 113 -5.16 -7.71 -0.41
N ILE B 114 -4.71 -6.86 -1.34
CA ILE B 114 -5.59 -6.26 -2.33
C ILE B 114 -5.69 -7.18 -3.54
N GLN B 115 -5.10 -8.36 -3.43
CA GLN B 115 -5.14 -9.36 -4.50
C GLN B 115 -6.20 -10.43 -4.28
N ASP B 116 -6.85 -10.45 -3.12
CA ASP B 116 -7.93 -11.39 -2.84
C ASP B 116 -9.30 -10.72 -2.84
N TYR B 117 -9.44 -9.55 -2.21
CA TYR B 117 -10.67 -8.79 -2.33
C TYR B 117 -10.86 -8.22 -3.72
N LEU B 118 -9.78 -8.13 -4.50
CA LEU B 118 -9.84 -7.69 -5.89
C LEU B 118 -9.17 -8.75 -6.77
N GLY B 119 -9.68 -8.89 -7.98
CA GLY B 119 -9.26 -9.96 -8.86
C GLY B 119 -7.91 -9.86 -9.53
N PHE B 120 -7.12 -8.86 -9.16
CA PHE B 120 -5.78 -8.67 -9.72
C PHE B 120 -4.67 -8.79 -8.69
N GLN B 121 -3.44 -8.56 -9.13
CA GLN B 121 -2.25 -8.68 -8.31
C GLN B 121 -1.68 -7.30 -7.97
N GLN B 122 -0.80 -7.29 -6.97
CA GLN B 122 -0.20 -6.03 -6.54
C GLN B 122 0.80 -5.51 -7.58
N SER B 123 1.73 -6.35 -8.01
CA SER B 123 2.78 -5.91 -8.91
C SER B 123 2.23 -5.42 -10.24
N ASP B 124 1.05 -5.91 -10.64
CA ASP B 124 0.52 -5.54 -11.96
C ASP B 124 0.18 -4.06 -12.04
N VAL B 125 -0.23 -3.44 -10.92
CA VAL B 125 -0.62 -2.04 -10.94
C VAL B 125 -0.09 -1.34 -9.69
N ILE B 126 0.95 -1.92 -9.08
CA ILE B 126 1.56 -1.31 -7.90
C ILE B 126 2.25 0.00 -8.21
N HIS B 127 2.42 0.33 -9.50
CA HIS B 127 3.09 1.56 -9.90
C HIS B 127 2.41 2.30 -11.04
N GLN B 128 1.43 1.71 -11.71
CA GLN B 128 0.80 2.37 -12.84
C GLN B 128 -0.25 3.38 -12.36
N SER B 129 -0.70 4.23 -13.28
CA SER B 129 -1.66 5.27 -12.96
C SER B 129 -2.91 4.67 -12.34
N VAL B 130 -3.61 5.48 -11.54
CA VAL B 130 -4.80 5.01 -10.85
C VAL B 130 -6.00 4.96 -11.79
N TYR B 131 -6.08 5.90 -12.73
CA TYR B 131 -7.20 5.91 -13.66
C TYR B 131 -7.27 4.62 -14.46
N GLU B 132 -6.13 3.95 -14.66
CA GLU B 132 -6.13 2.68 -15.36
C GLU B 132 -7.02 1.65 -14.68
N LEU B 133 -7.45 1.91 -13.44
CA LEU B 133 -8.34 1.04 -12.70
C LEU B 133 -9.59 1.76 -12.22
N ILE B 134 -9.72 3.05 -12.48
CA ILE B 134 -10.89 3.84 -12.06
C ILE B 134 -11.76 4.10 -13.29
N HIS B 135 -13.05 4.32 -13.03
CA HIS B 135 -14.02 4.53 -14.10
C HIS B 135 -13.68 5.79 -14.89
N THR B 136 -14.47 6.07 -15.93
CA THR B 136 -14.18 7.20 -16.81
C THR B 136 -14.61 8.53 -16.20
N GLU B 137 -15.92 8.74 -16.10
CA GLU B 137 -16.42 10.01 -15.58
C GLU B 137 -15.99 10.24 -14.12
N ASP B 138 -15.55 9.20 -13.43
CA ASP B 138 -15.12 9.33 -12.04
C ASP B 138 -13.66 9.73 -11.89
N ARG B 139 -12.90 9.76 -12.99
CA ARG B 139 -11.50 10.17 -12.88
C ARG B 139 -11.37 11.59 -12.35
N ALA B 140 -12.33 12.46 -12.67
CA ALA B 140 -12.27 13.84 -12.19
C ALA B 140 -12.45 13.95 -10.68
N GLU B 141 -13.08 12.95 -10.05
CA GLU B 141 -13.29 12.99 -8.61
C GLU B 141 -11.98 12.86 -7.86
N PHE B 142 -11.20 11.83 -8.18
CA PHE B 142 -9.93 11.63 -7.49
C PHE B 142 -8.97 12.79 -7.73
N GLN B 143 -9.02 13.40 -8.92
CA GLN B 143 -8.14 14.53 -9.20
C GLN B 143 -8.44 15.72 -8.30
N ARG B 144 -9.70 15.89 -7.89
CA ARG B 144 -10.07 17.04 -7.09
C ARG B 144 -9.80 16.84 -5.60
N GLN B 145 -9.63 15.60 -5.15
CA GLN B 145 -9.34 15.34 -3.75
C GLN B 145 -7.94 15.79 -3.33
N LEU B 146 -7.10 16.22 -4.27
CA LEU B 146 -5.74 16.64 -3.98
C LEU B 146 -5.50 18.10 -4.26
N HIS B 147 -5.92 18.59 -5.43
CA HIS B 147 -5.68 19.99 -5.78
C HIS B 147 -6.53 20.93 -4.93
N TRP B 148 -7.85 20.71 -4.93
CA TRP B 148 -8.78 21.58 -4.22
C TRP B 148 -8.88 21.24 -2.73
N ALA B 149 -8.15 20.24 -2.28
CA ALA B 149 -8.18 19.83 -0.88
C ALA B 149 -6.96 20.36 -0.13
N LEU B 150 -5.81 20.34 -0.80
CA LEU B 150 -4.57 20.82 -0.20
C LEU B 150 -3.53 21.17 -1.26
N ASP B 174 -0.63 20.73 9.50
CA ASP B 174 -1.51 20.58 8.34
C ASP B 174 -2.54 19.48 8.56
N GLN B 175 -2.75 19.12 9.82
CA GLN B 175 -3.79 18.15 10.20
C GLN B 175 -5.07 18.93 10.46
N LEU B 176 -5.86 19.12 9.41
CA LEU B 176 -7.03 19.98 9.47
C LEU B 176 -7.95 19.70 8.28
N PRO B 177 -9.08 20.40 8.15
CA PRO B 177 -10.03 20.14 7.07
C PRO B 177 -9.43 20.28 5.68
N PRO B 178 -9.42 19.20 4.88
CA PRO B 178 -9.83 17.86 5.35
C PRO B 178 -8.66 16.88 5.39
N GLU B 179 -8.01 16.74 6.55
CA GLU B 179 -6.90 15.80 6.65
C GLU B 179 -7.36 14.38 6.35
N ASN B 180 -8.51 13.99 6.86
CA ASN B 180 -9.10 12.67 6.63
C ASN B 180 -10.39 12.84 5.85
N ALA B 181 -10.39 12.41 4.60
CA ALA B 181 -11.58 12.47 3.75
C ALA B 181 -12.24 11.09 3.68
N SER B 182 -13.45 11.08 3.12
CA SER B 182 -14.21 9.84 2.97
C SER B 182 -15.25 10.05 1.88
N PHE B 183 -15.28 9.14 0.91
CA PHE B 183 -16.19 9.26 -0.22
C PHE B 183 -16.27 7.92 -0.94
N MET B 184 -17.21 7.83 -1.86
CA MET B 184 -17.37 6.69 -2.74
C MET B 184 -16.87 7.04 -4.14
N GLU B 185 -16.80 6.03 -4.99
CA GLU B 185 -16.35 6.20 -6.36
C GLU B 185 -16.46 4.89 -7.11
N ARG B 186 -16.19 4.95 -8.41
CA ARG B 186 -16.25 3.78 -9.28
C ARG B 186 -14.87 3.18 -9.41
N CYS B 187 -14.72 1.93 -8.98
CA CYS B 187 -13.48 1.18 -9.09
C CYS B 187 -13.66 0.02 -10.06
N PHE B 188 -12.55 -0.50 -10.56
CA PHE B 188 -12.57 -1.59 -11.53
C PHE B 188 -12.60 -2.94 -10.82
N ARG B 189 -13.02 -3.96 -11.56
CA ARG B 189 -13.12 -5.32 -11.05
C ARG B 189 -12.45 -6.28 -12.01
N CYS B 190 -12.09 -7.46 -11.50
CA CYS B 190 -11.40 -8.47 -12.30
C CYS B 190 -12.15 -8.76 -13.60
N ASP B 197 -15.28 -13.96 -15.10
CA ASP B 197 -14.77 -12.97 -14.16
C ASP B 197 -15.59 -12.96 -12.88
N ASN B 198 -16.74 -13.63 -12.91
CA ASN B 198 -17.68 -13.68 -11.79
C ASN B 198 -17.81 -12.30 -11.12
N SER B 199 -17.95 -11.29 -11.95
CA SER B 199 -18.03 -9.91 -11.48
C SER B 199 -18.71 -9.06 -12.54
N SER B 200 -19.11 -7.85 -12.15
CA SER B 200 -19.76 -6.92 -13.07
C SER B 200 -18.82 -5.83 -13.57
N GLY B 201 -17.53 -5.94 -13.31
CA GLY B 201 -16.48 -4.98 -13.77
C GLY B 201 -16.26 -3.69 -13.03
N PHE B 202 -16.98 -3.43 -11.93
CA PHE B 202 -16.69 -2.21 -11.15
C PHE B 202 -17.28 -2.42 -9.76
N LEU B 203 -16.66 -1.73 -8.80
CA LEU B 203 -17.06 -1.76 -7.41
C LEU B 203 -16.92 -0.36 -6.82
N ALA B 204 -17.91 0.06 -6.04
CA ALA B 204 -17.92 1.39 -5.44
C ALA B 204 -17.39 1.28 -4.01
N MET B 205 -16.07 1.33 -3.89
CA MET B 205 -15.44 1.26 -2.59
C MET B 205 -15.53 2.61 -1.88
N ASN B 206 -15.30 2.58 -0.57
CA ASN B 206 -15.36 3.77 0.28
C ASN B 206 -13.92 4.14 0.64
N PHE B 207 -13.32 5.02 -0.16
CA PHE B 207 -11.96 5.49 0.10
C PHE B 207 -12.00 6.62 1.11
N GLN B 208 -11.42 6.38 2.29
CA GLN B 208 -11.30 7.39 3.34
C GLN B 208 -9.82 7.58 3.63
N GLY B 209 -9.21 8.59 2.99
CA GLY B 209 -7.78 8.82 3.09
C GLY B 209 -7.39 9.80 4.17
N ARG B 210 -6.15 9.66 4.63
CA ARG B 210 -5.55 10.55 5.63
C ARG B 210 -4.32 11.19 5.00
N LEU B 211 -4.47 12.43 4.53
CA LEU B 211 -3.39 13.10 3.83
C LEU B 211 -2.14 13.17 4.70
N LYS B 212 -0.98 13.08 4.05
CA LYS B 212 0.31 13.10 4.73
C LYS B 212 1.31 13.84 3.85
N TYR B 213 2.52 14.01 4.38
CA TYR B 213 3.64 14.62 3.66
C TYR B 213 4.75 13.58 3.57
N LEU B 214 4.61 12.66 2.63
CA LEU B 214 5.58 11.58 2.48
C LEU B 214 6.86 12.11 1.85
N HIS B 215 7.99 11.60 2.32
CA HIS B 215 9.30 12.04 1.85
C HIS B 215 10.24 10.86 1.67
N LEU B 227 13.18 20.24 -5.70
CA LEU B 227 12.00 19.39 -5.61
C LEU B 227 11.60 19.14 -4.16
N PRO B 228 10.83 20.06 -3.59
CA PRO B 228 10.36 19.90 -2.22
C PRO B 228 9.30 18.81 -2.14
N PRO B 229 8.88 18.44 -0.93
CA PRO B 229 7.88 17.38 -0.81
C PRO B 229 6.50 17.85 -1.27
N GLN B 230 5.69 16.89 -1.71
CA GLN B 230 4.33 17.14 -2.15
C GLN B 230 3.36 16.33 -1.29
N LEU B 231 2.08 16.45 -1.60
CA LEU B 231 1.04 15.81 -0.81
C LEU B 231 0.91 14.33 -1.19
N ALA B 232 0.90 13.48 -0.19
CA ALA B 232 0.66 12.05 -0.36
C ALA B 232 -0.71 11.69 0.21
N LEU B 233 -1.06 10.41 0.11
CA LEU B 233 -2.38 9.94 0.54
C LEU B 233 -2.22 8.54 1.13
N PHE B 234 -2.48 8.41 2.43
CA PHE B 234 -2.48 7.12 3.12
C PHE B 234 -3.93 6.77 3.44
N ALA B 235 -4.55 5.97 2.58
CA ALA B 235 -5.96 5.61 2.71
C ALA B 235 -6.13 4.10 2.72
N ILE B 236 -7.32 3.67 3.13
CA ILE B 236 -7.71 2.26 3.15
C ILE B 236 -9.12 2.17 2.61
N ALA B 237 -9.30 1.52 1.47
CA ALA B 237 -10.59 1.43 0.81
C ALA B 237 -11.27 0.11 1.18
N THR B 238 -12.60 0.17 1.32
CA THR B 238 -13.40 -1.00 1.66
C THR B 238 -14.64 -1.04 0.76
N PRO B 239 -15.38 -2.15 0.76
CA PRO B 239 -16.53 -2.25 -0.15
C PRO B 239 -17.70 -1.35 0.25
N LEU B 240 -18.80 -1.46 -0.46
CA LEU B 240 -19.99 -0.65 -0.18
C LEU B 240 -21.07 -1.50 0.49
C1 PEG E . -41.57 -9.85 6.51
O1 PEG E . -41.09 -10.53 7.64
C2 PEG E . -41.07 -8.42 6.51
O2 PEG E . -39.67 -8.41 6.47
C3 PEG E . -39.13 -7.22 5.96
C4 PEG E . -37.60 -7.30 6.01
O4 PEG E . -37.06 -6.09 5.58
C1 CIT F . 30.78 -13.49 -13.37
O1 CIT F . 31.92 -14.02 -13.33
O2 CIT F . 30.63 -12.33 -12.94
C2 CIT F . 29.61 -14.24 -13.95
C3 CIT F . 28.62 -14.61 -12.85
O7 CIT F . 27.55 -15.41 -13.43
C4 CIT F . 29.28 -15.43 -11.73
C5 CIT F . 29.96 -16.65 -12.29
O3 CIT F . 31.08 -16.57 -12.83
O4 CIT F . 29.40 -17.77 -12.22
C6 CIT F . 28.01 -13.36 -12.25
O5 CIT F . 27.92 -12.30 -12.92
O6 CIT F . 27.58 -13.36 -11.08
C1 PEG G . 4.23 -25.65 -6.87
O1 PEG G . 4.18 -25.98 -5.51
C2 PEG G . 4.37 -26.93 -7.69
O2 PEG G . 3.34 -27.82 -7.37
C3 PEG G . 3.35 -29.00 -8.12
C4 PEG G . 2.18 -29.89 -7.71
O4 PEG G . 0.97 -29.22 -7.97
C1 CIT H . 42.15 -4.84 -24.18
O1 CIT H . 41.43 -5.26 -25.11
O2 CIT H . 43.39 -5.04 -24.25
C2 CIT H . 41.55 -4.11 -23.01
C3 CIT H . 41.64 -4.94 -21.73
O7 CIT H . 41.08 -4.16 -20.63
C4 CIT H . 40.86 -6.25 -21.85
C5 CIT H . 39.38 -5.97 -21.89
O3 CIT H . 38.69 -6.42 -22.83
O4 CIT H . 38.84 -5.27 -21.01
C6 CIT H . 43.09 -5.23 -21.41
O5 CIT H . 44.00 -4.44 -21.77
O6 CIT H . 43.41 -6.26 -20.77
#